data_6R7K
#
_entry.id   6R7K
#
_cell.length_a   61.790
_cell.length_b   61.790
_cell.length_c   159.170
_cell.angle_alpha   90.00
_cell.angle_beta   90.00
_cell.angle_gamma   90.00
#
_symmetry.space_group_name_H-M   'P 41 21 2'
#
loop_
_entity.id
_entity.type
_entity.pdbx_description
1 polymer 'Nuclear receptor ROR-gamma'
2 polymer 'SRC2 peptide'
3 non-polymer (2~{R})-2-(4-ethylsulfonylphenyl)-~{N}-[4-[1,1,1,3,3,3-hexakis(fluoranyl)-2-oxidanyl-propan-2-yl]phenyl]-2-(2-phenylethanoylamino)ethanamide
4 non-polymer 'SODIUM ION'
5 non-polymer 'DIMETHYL SULFOXIDE'
6 water water
#
loop_
_entity_poly.entity_id
_entity_poly.type
_entity_poly.pdbx_seq_one_letter_code
_entity_poly.pdbx_strand_id
1 'polypeptide(L)'
;MHNHNHNHNHNHNGGENLYFQGASLTEIEHLVQSVCKSYRETCQLRLEDLLRQRSNIFSREEVTGYQRKSMWEMWERCAH
HLTEAIQYVVEFAKRLSGFMELCQNDQIVLLKAGAMEVVLVRMCRAYNADNRTVFFEGKYGGMELFRALGCSELISSIFD
FSHSLSALHFSEDEIALYTALVLINAHRPGLQEKRKVEQLQYNLELAFHHHLCKTHRQSILAKLPPKGKLRSLCSQHVER
LQIFQHLHPIVVQAAFPPLYKELFSGGGKEKHKILHRLLQDSS
;
A
2 'polypeptide(L)' KEKHKILHRLLQDSS C
#
loop_
_chem_comp.id
_chem_comp.type
_chem_comp.name
_chem_comp.formula
DMS non-polymer 'DIMETHYL SULFOXIDE' 'C2 H6 O S'
JUH non-polymer (2~{R})-2-(4-ethylsulfonylphenyl)-~{N}-[4-[1,1,1,3,3,3-hexakis(fluoranyl)-2-oxidanyl-propan-2-yl]phenyl]-2-(2-phenylethanoylamino)ethanamide 'C27 H24 F6 N2 O5 S'
NA non-polymer 'SODIUM ION' 'Na 1'
#
# COMPACT_ATOMS: atom_id res chain seq x y z
N GLU A 16 19.92 -4.25 18.83
CA GLU A 16 18.87 -4.97 18.11
C GLU A 16 19.11 -5.02 16.60
N ASN A 17 19.51 -3.89 15.98
CA ASN A 17 19.77 -3.90 14.53
C ASN A 17 20.81 -2.84 14.17
N LEU A 18 21.68 -3.18 13.20
CA LEU A 18 22.74 -2.30 12.71
C LEU A 18 22.12 -0.97 12.24
N TYR A 19 20.93 -1.05 11.62
CA TYR A 19 20.31 0.16 11.07
C TYR A 19 19.59 1.00 12.10
N PHE A 20 19.70 0.65 13.41
CA PHE A 20 19.16 1.49 14.48
C PHE A 20 20.24 2.49 14.92
N GLN A 21 21.42 2.43 14.27
CA GLN A 21 22.52 3.37 14.50
C GLN A 21 23.01 3.85 13.13
N GLY A 22 24.00 4.75 13.13
CA GLY A 22 24.59 5.29 11.91
C GLY A 22 25.21 4.20 11.07
N ALA A 23 24.84 4.14 9.78
CA ALA A 23 25.34 3.12 8.84
C ALA A 23 26.32 3.75 7.87
N SER A 24 27.41 3.04 7.53
CA SER A 24 28.41 3.47 6.56
C SER A 24 27.84 3.37 5.15
N LEU A 25 28.59 3.92 4.15
CA LEU A 25 28.19 3.79 2.75
C LEU A 25 28.03 2.30 2.36
N THR A 26 29.00 1.44 2.74
CA THR A 26 28.90 0.02 2.37
C THR A 26 27.64 -0.63 2.97
N GLU A 27 27.30 -0.25 4.23
CA GLU A 27 26.08 -0.74 4.90
C GLU A 27 24.82 -0.19 4.22
N ILE A 28 24.89 1.04 3.69
CA ILE A 28 23.72 1.60 2.97
C ILE A 28 23.53 0.86 1.63
N GLU A 29 24.65 0.51 0.92
CA GLU A 29 24.57 -0.27 -0.30
C GLU A 29 23.92 -1.62 -0.01
N HIS A 30 24.29 -2.25 1.14
CA HIS A 30 23.70 -3.54 1.53
C HIS A 30 22.20 -3.35 1.74
N LEU A 31 21.82 -2.21 2.36
CA LEU A 31 20.40 -1.93 2.65
C LEU A 31 19.58 -1.79 1.38
N VAL A 32 20.11 -1.13 0.31
CA VAL A 32 19.38 -1.01 -0.95
C VAL A 32 19.07 -2.42 -1.44
N GLN A 33 20.10 -3.28 -1.45
CA GLN A 33 19.90 -4.62 -1.95
C GLN A 33 18.88 -5.42 -1.13
N SER A 34 18.91 -5.29 0.20
CA SER A 34 18.02 -5.98 1.15
C SER A 34 16.57 -5.53 0.96
N VAL A 35 16.37 -4.22 0.83
CA VAL A 35 15.00 -3.70 0.61
C VAL A 35 14.46 -4.15 -0.73
N CYS A 36 15.28 -4.09 -1.80
CA CYS A 36 14.81 -4.52 -3.10
C CYS A 36 14.44 -5.99 -3.14
N LYS A 37 15.22 -6.82 -2.40
CA LYS A 37 14.99 -8.26 -2.31
C LYS A 37 13.67 -8.50 -1.57
N SER A 38 13.46 -7.80 -0.43
CA SER A 38 12.24 -7.94 0.38
C SER A 38 11.01 -7.61 -0.45
N TYR A 39 11.09 -6.51 -1.23
CA TYR A 39 10.01 -6.11 -2.10
C TYR A 39 9.76 -7.17 -3.20
N ARG A 40 10.83 -7.61 -3.93
CA ARG A 40 10.68 -8.60 -5.00
C ARG A 40 9.93 -9.85 -4.52
N GLU A 41 10.27 -10.33 -3.31
CA GLU A 41 9.71 -11.55 -2.70
C GLU A 41 8.28 -11.37 -2.20
N THR A 42 7.78 -10.12 -2.12
CA THR A 42 6.43 -9.90 -1.55
C THR A 42 5.58 -8.99 -2.40
N CYS A 43 5.90 -8.85 -3.68
CA CYS A 43 5.27 -7.85 -4.54
C CYS A 43 3.86 -8.22 -4.97
N GLN A 44 3.38 -9.45 -4.63
CA GLN A 44 2.04 -9.97 -4.90
C GLN A 44 1.88 -10.39 -6.34
N LEU A 45 1.89 -9.43 -7.26
CA LEU A 45 1.83 -9.71 -8.69
C LEU A 45 3.10 -9.21 -9.38
N ARG A 46 3.58 -9.96 -10.37
CA ARG A 46 4.78 -9.56 -11.09
C ARG A 46 4.47 -8.43 -12.06
N LEU A 47 5.37 -7.42 -12.16
CA LEU A 47 5.13 -6.30 -13.06
C LEU A 47 4.90 -6.78 -14.49
N GLU A 48 5.70 -7.77 -14.94
CA GLU A 48 5.56 -8.34 -16.28
C GLU A 48 4.18 -8.88 -16.55
N ASP A 49 3.56 -9.52 -15.53
CA ASP A 49 2.20 -10.07 -15.60
C ASP A 49 1.16 -8.95 -15.69
N LEU A 50 1.35 -7.88 -14.90
CA LEU A 50 0.43 -6.75 -15.01
C LEU A 50 0.53 -6.07 -16.37
N LEU A 51 1.76 -5.90 -16.91
CA LEU A 51 1.89 -5.21 -18.20
C LEU A 51 1.31 -6.00 -19.35
N ARG A 52 1.56 -7.30 -19.36
CA ARG A 52 1.08 -8.19 -20.41
C ARG A 52 -0.48 -8.17 -20.47
N GLN A 53 -1.11 -8.09 -19.30
CA GLN A 53 -2.58 -8.13 -19.22
C GLN A 53 -3.27 -6.80 -19.56
N ARG A 54 -2.51 -5.73 -19.92
CA ARG A 54 -3.10 -4.42 -20.26
C ARG A 54 -4.10 -4.47 -21.42
N SER A 55 -3.95 -5.42 -22.35
CA SER A 55 -4.84 -5.53 -23.51
C SER A 55 -6.15 -6.23 -23.16
N ASN A 56 -6.21 -6.87 -21.96
CA ASN A 56 -7.37 -7.59 -21.48
C ASN A 56 -8.22 -6.62 -20.67
N ILE A 57 -9.17 -5.97 -21.35
CA ILE A 57 -10.02 -4.91 -20.81
C ILE A 57 -11.46 -5.36 -20.70
N PHE A 58 -12.13 -5.06 -19.57
CA PHE A 58 -13.54 -5.40 -19.44
C PHE A 58 -14.37 -4.77 -20.56
N SER A 59 -15.26 -5.58 -21.12
CA SER A 59 -16.16 -5.12 -22.18
C SER A 59 -17.27 -4.25 -21.56
N ARG A 60 -18.02 -3.53 -22.42
CA ARG A 60 -19.15 -2.69 -22.00
C ARG A 60 -20.16 -3.52 -21.22
N GLU A 61 -20.42 -4.76 -21.70
CA GLU A 61 -21.31 -5.73 -21.05
C GLU A 61 -20.79 -6.07 -19.64
N GLU A 62 -19.47 -6.30 -19.50
CA GLU A 62 -18.86 -6.64 -18.20
C GLU A 62 -18.90 -5.45 -17.26
N VAL A 63 -18.63 -4.23 -17.75
CA VAL A 63 -18.72 -3.01 -16.93
C VAL A 63 -20.16 -2.87 -16.39
N THR A 64 -21.18 -3.02 -17.28
CA THR A 64 -22.57 -2.91 -16.87
C THR A 64 -22.90 -3.95 -15.75
N GLY A 65 -22.37 -5.15 -15.87
CA GLY A 65 -22.56 -6.18 -14.86
C GLY A 65 -22.00 -5.77 -13.51
N TYR A 66 -20.80 -5.15 -13.48
CA TYR A 66 -20.25 -4.66 -12.20
C TYR A 66 -21.08 -3.53 -11.65
N GLN A 67 -21.60 -2.69 -12.56
CA GLN A 67 -22.45 -1.57 -12.13
C GLN A 67 -23.76 -2.00 -11.57
N ARG A 68 -24.26 -3.17 -12.01
CA ARG A 68 -25.54 -3.71 -11.56
C ARG A 68 -25.42 -4.49 -10.23
N LYS A 69 -24.18 -4.73 -9.77
CA LYS A 69 -23.97 -5.41 -8.50
C LYS A 69 -24.46 -4.51 -7.37
N SER A 70 -24.88 -5.14 -6.27
CA SER A 70 -25.35 -4.34 -5.16
C SER A 70 -24.19 -3.55 -4.51
N MET A 71 -24.50 -2.45 -3.83
CA MET A 71 -23.45 -1.68 -3.15
C MET A 71 -22.70 -2.56 -2.15
N TRP A 72 -23.44 -3.38 -1.39
CA TRP A 72 -22.80 -4.20 -0.36
C TRP A 72 -21.96 -5.33 -0.97
N GLU A 73 -22.41 -5.95 -2.09
CA GLU A 73 -21.57 -7.02 -2.66
C GLU A 73 -20.27 -6.42 -3.25
N MET A 74 -20.35 -5.20 -3.83
CA MET A 74 -19.15 -4.57 -4.38
C MET A 74 -18.20 -4.14 -3.25
N TRP A 75 -18.74 -3.61 -2.13
CA TRP A 75 -17.86 -3.25 -0.98
C TRP A 75 -17.16 -4.50 -0.45
N GLU A 76 -17.91 -5.58 -0.32
CA GLU A 76 -17.30 -6.80 0.20
C GLU A 76 -16.16 -7.33 -0.69
N ARG A 77 -16.37 -7.30 -2.01
CA ARG A 77 -15.36 -7.78 -2.99
C ARG A 77 -14.13 -6.88 -2.89
N CYS A 78 -14.33 -5.54 -2.81
CA CYS A 78 -13.17 -4.62 -2.76
C CYS A 78 -12.43 -4.77 -1.43
N ALA A 79 -13.17 -4.94 -0.32
CA ALA A 79 -12.52 -5.14 1.00
C ALA A 79 -11.69 -6.44 0.99
N HIS A 80 -12.20 -7.51 0.35
CA HIS A 80 -11.43 -8.75 0.25
C HIS A 80 -10.16 -8.52 -0.60
N HIS A 81 -10.30 -7.84 -1.76
CA HIS A 81 -9.11 -7.63 -2.61
C HIS A 81 -8.08 -6.75 -1.89
N LEU A 82 -8.55 -5.72 -1.19
CA LEU A 82 -7.60 -4.89 -0.43
C LEU A 82 -6.92 -5.69 0.67
N THR A 83 -7.69 -6.56 1.37
CA THR A 83 -7.09 -7.35 2.46
C THR A 83 -5.99 -8.27 1.91
N GLU A 84 -6.22 -8.89 0.73
CA GLU A 84 -5.20 -9.74 0.11
C GLU A 84 -3.93 -8.91 -0.16
N ALA A 85 -4.10 -7.67 -0.69
CA ALA A 85 -2.93 -6.80 -0.94
C ALA A 85 -2.20 -6.46 0.35
N ILE A 86 -2.96 -6.15 1.41
CA ILE A 86 -2.42 -5.82 2.73
C ILE A 86 -1.61 -6.96 3.32
N GLN A 87 -2.05 -8.23 3.13
CA GLN A 87 -1.33 -9.37 3.62
C GLN A 87 0.07 -9.41 3.03
N TYR A 88 0.22 -9.04 1.76
CA TYR A 88 1.55 -9.00 1.13
C TYR A 88 2.40 -7.87 1.73
N VAL A 89 1.76 -6.74 2.07
CA VAL A 89 2.49 -5.65 2.71
C VAL A 89 2.97 -6.04 4.11
N VAL A 90 2.16 -6.79 4.87
CA VAL A 90 2.60 -7.23 6.19
C VAL A 90 3.87 -8.12 6.01
N GLU A 91 3.87 -9.02 5.01
CA GLU A 91 5.04 -9.85 4.78
C GLU A 91 6.26 -9.00 4.37
N PHE A 92 6.05 -7.96 3.53
CA PHE A 92 7.10 -7.02 3.15
C PHE A 92 7.70 -6.40 4.42
N ALA A 93 6.83 -5.90 5.32
CA ALA A 93 7.29 -5.30 6.57
C ALA A 93 8.14 -6.29 7.38
N LYS A 94 7.67 -7.54 7.52
CA LYS A 94 8.40 -8.55 8.30
C LYS A 94 9.78 -8.81 7.72
N ARG A 95 9.94 -8.69 6.41
CA ARG A 95 11.22 -8.93 5.72
C ARG A 95 12.15 -7.72 5.70
N LEU A 96 11.64 -6.54 6.06
CA LEU A 96 12.38 -5.29 6.03
C LEU A 96 13.37 -5.21 7.16
N SER A 97 14.67 -4.97 6.85
CA SER A 97 15.70 -4.89 7.86
C SER A 97 15.28 -3.96 9.00
N GLY A 98 15.36 -4.48 10.21
CA GLY A 98 15.01 -3.72 11.40
C GLY A 98 13.58 -3.80 11.89
N PHE A 99 12.64 -4.03 10.99
CA PHE A 99 11.22 -4.04 11.40
C PHE A 99 10.92 -5.07 12.50
N MET A 100 11.42 -6.31 12.36
CA MET A 100 11.13 -7.32 13.38
C MET A 100 11.86 -7.10 14.70
N GLU A 101 12.85 -6.17 14.73
CA GLU A 101 13.56 -5.80 15.95
C GLU A 101 12.85 -4.66 16.67
N LEU A 102 11.80 -4.06 16.05
CA LEU A 102 11.00 -3.06 16.76
C LEU A 102 10.08 -3.82 17.72
N CYS A 103 9.53 -3.14 18.73
CA CYS A 103 8.60 -3.79 19.66
C CYS A 103 7.26 -4.04 18.97
N GLN A 104 6.45 -5.02 19.43
CA GLN A 104 5.16 -5.32 18.77
C GLN A 104 4.24 -4.10 18.73
N ASN A 105 4.22 -3.28 19.79
CA ASN A 105 3.38 -2.08 19.78
C ASN A 105 3.73 -1.25 18.53
N ASP A 106 5.02 -1.04 18.27
CA ASP A 106 5.45 -0.18 17.15
C ASP A 106 5.23 -0.82 15.79
N GLN A 107 5.40 -2.14 15.67
CA GLN A 107 5.16 -2.84 14.41
C GLN A 107 3.68 -2.63 14.07
N ILE A 108 2.78 -2.79 15.09
CA ILE A 108 1.34 -2.61 14.83
C ILE A 108 1.01 -1.15 14.52
N VAL A 109 1.58 -0.17 15.26
CA VAL A 109 1.36 1.25 14.95
C VAL A 109 1.73 1.52 13.46
N LEU A 110 2.94 1.05 13.05
CA LEU A 110 3.40 1.31 11.69
C LEU A 110 2.55 0.65 10.64
N LEU A 111 2.12 -0.60 10.86
CA LEU A 111 1.27 -1.27 9.88
C LEU A 111 -0.15 -0.69 9.85
N LYS A 112 -0.70 -0.36 11.01
CA LYS A 112 -2.04 0.25 11.02
C LYS A 112 -2.09 1.57 10.25
N ALA A 113 -1.04 2.36 10.37
CA ALA A 113 -1.00 3.65 9.70
C ALA A 113 -0.52 3.55 8.25
N GLY A 114 0.35 2.58 7.98
CA GLY A 114 1.07 2.56 6.71
C GLY A 114 0.70 1.49 5.72
N ALA A 115 0.08 0.37 6.14
CA ALA A 115 -0.20 -0.71 5.16
C ALA A 115 -1.05 -0.19 3.97
N MET A 116 -2.15 0.54 4.25
CA MET A 116 -2.98 1.05 3.13
C MET A 116 -2.20 2.03 2.26
N GLU A 117 -1.33 2.87 2.88
CA GLU A 117 -0.55 3.81 2.08
C GLU A 117 0.36 3.03 1.11
N VAL A 118 0.96 1.93 1.58
CA VAL A 118 1.84 1.11 0.73
C VAL A 118 1.02 0.47 -0.40
N VAL A 119 -0.18 -0.07 -0.08
CA VAL A 119 -1.01 -0.65 -1.14
C VAL A 119 -1.36 0.41 -2.20
N LEU A 120 -1.70 1.64 -1.77
CA LEU A 120 -2.02 2.72 -2.70
C LEU A 120 -0.84 3.04 -3.63
N VAL A 121 0.40 3.02 -3.10
CA VAL A 121 1.58 3.23 -3.92
C VAL A 121 1.78 2.02 -4.87
N ARG A 122 1.75 0.80 -4.33
CA ARG A 122 1.94 -0.42 -5.17
C ARG A 122 0.92 -0.48 -6.31
N MET A 123 -0.29 0.06 -6.07
CA MET A 123 -1.37 0.00 -7.07
C MET A 123 -1.04 0.72 -8.37
N CYS A 124 -0.10 1.67 -8.36
CA CYS A 124 0.24 2.36 -9.59
C CYS A 124 0.80 1.36 -10.64
N ARG A 125 1.38 0.24 -10.17
CA ARG A 125 1.94 -0.80 -11.09
C ARG A 125 0.82 -1.43 -11.89
N ALA A 126 -0.38 -1.46 -11.30
CA ALA A 126 -1.58 -2.10 -11.87
C ALA A 126 -2.46 -1.11 -12.58
N TYR A 127 -2.00 0.13 -12.70
CA TYR A 127 -2.75 1.21 -13.30
C TYR A 127 -2.11 1.53 -14.65
N ASN A 128 -2.95 1.58 -15.68
CA ASN A 128 -2.53 1.89 -17.04
C ASN A 128 -2.94 3.31 -17.35
N ALA A 129 -1.97 4.24 -17.33
CA ALA A 129 -2.21 5.66 -17.59
C ALA A 129 -2.69 5.95 -19.03
N ASP A 130 -2.38 5.07 -20.00
CA ASP A 130 -2.80 5.23 -21.41
C ASP A 130 -4.31 5.27 -21.62
N ASN A 131 -5.06 4.48 -20.82
CA ASN A 131 -6.53 4.42 -20.95
C ASN A 131 -7.24 4.59 -19.58
N ARG A 132 -6.47 4.97 -18.56
CA ARG A 132 -7.00 5.22 -17.20
C ARG A 132 -7.74 4.01 -16.64
N THR A 133 -7.11 2.83 -16.72
CA THR A 133 -7.70 1.61 -16.20
C THR A 133 -6.85 0.99 -15.10
N VAL A 134 -7.48 0.16 -14.26
CA VAL A 134 -6.79 -0.56 -13.21
C VAL A 134 -7.11 -2.07 -13.33
N PHE A 135 -6.14 -2.90 -12.98
CA PHE A 135 -6.30 -4.36 -12.96
C PHE A 135 -7.13 -4.74 -11.76
N PHE A 136 -8.28 -5.35 -12.05
CA PHE A 136 -9.21 -5.73 -11.02
C PHE A 136 -9.92 -7.02 -11.44
N GLU A 137 -9.80 -8.05 -10.63
CA GLU A 137 -10.52 -9.32 -10.89
C GLU A 137 -10.26 -9.87 -12.31
N GLY A 138 -8.99 -9.79 -12.73
CA GLY A 138 -8.54 -10.42 -13.96
C GLY A 138 -8.49 -9.62 -15.23
N LYS A 139 -9.05 -8.40 -15.24
CA LYS A 139 -9.00 -7.56 -16.44
C LYS A 139 -8.84 -6.13 -15.97
N TYR A 140 -8.60 -5.24 -16.92
CA TYR A 140 -8.47 -3.82 -16.66
C TYR A 140 -9.80 -3.12 -16.84
N GLY A 141 -10.14 -2.27 -15.86
CA GLY A 141 -11.37 -1.49 -15.93
C GLY A 141 -11.14 -0.08 -15.43
N GLY A 142 -11.95 0.84 -15.96
CA GLY A 142 -11.90 2.25 -15.60
C GLY A 142 -12.65 2.54 -14.30
N MET A 143 -12.65 3.79 -13.86
CA MET A 143 -13.29 4.06 -12.57
C MET A 143 -14.79 3.80 -12.61
N GLU A 144 -15.41 3.80 -13.81
CA GLU A 144 -16.84 3.50 -13.95
C GLU A 144 -17.17 2.06 -13.49
N LEU A 145 -16.15 1.16 -13.42
CA LEU A 145 -16.37 -0.21 -12.98
C LEU A 145 -16.88 -0.25 -11.50
N PHE A 146 -16.51 0.78 -10.73
CA PHE A 146 -16.73 0.84 -9.27
C PHE A 146 -17.92 1.70 -8.82
N ARG A 147 -18.74 2.13 -9.78
CA ARG A 147 -19.85 3.03 -9.54
C ARG A 147 -20.84 2.50 -8.47
N ALA A 148 -21.00 1.17 -8.34
CA ALA A 148 -21.93 0.64 -7.32
C ALA A 148 -21.52 0.91 -5.88
N LEU A 149 -20.21 1.22 -5.65
CA LEU A 149 -19.75 1.49 -4.31
C LEU A 149 -20.33 2.76 -3.69
N GLY A 150 -20.68 3.73 -4.53
CA GLY A 150 -21.20 4.97 -3.99
C GLY A 150 -20.12 5.76 -3.25
N CYS A 151 -18.89 5.74 -3.78
CA CYS A 151 -17.83 6.57 -3.25
C CYS A 151 -16.99 7.09 -4.43
N SER A 152 -17.69 7.78 -5.37
CA SER A 152 -17.04 8.23 -6.61
C SER A 152 -15.88 9.15 -6.35
N GLU A 153 -15.97 10.05 -5.33
CA GLU A 153 -14.85 10.98 -5.08
C GLU A 153 -13.61 10.23 -4.66
N LEU A 154 -13.78 9.24 -3.76
CA LEU A 154 -12.63 8.45 -3.31
C LEU A 154 -12.02 7.66 -4.50
N ILE A 155 -12.84 7.02 -5.34
CA ILE A 155 -12.29 6.26 -6.46
C ILE A 155 -11.56 7.18 -7.42
N SER A 156 -12.17 8.34 -7.73
CA SER A 156 -11.53 9.28 -8.65
C SER A 156 -10.22 9.78 -8.03
N SER A 157 -10.18 9.99 -6.70
CA SER A 157 -8.94 10.42 -6.02
C SER A 157 -7.83 9.33 -6.10
N ILE A 158 -8.22 8.05 -5.98
CA ILE A 158 -7.25 6.96 -6.06
C ILE A 158 -6.72 6.84 -7.51
N PHE A 159 -7.62 6.97 -8.50
CA PHE A 159 -7.17 6.90 -9.89
C PHE A 159 -6.23 8.08 -10.21
N ASP A 160 -6.55 9.31 -9.73
CA ASP A 160 -5.71 10.49 -9.95
C ASP A 160 -4.33 10.28 -9.32
N PHE A 161 -4.31 9.69 -8.12
CA PHE A 161 -3.05 9.44 -7.42
C PHE A 161 -2.21 8.44 -8.21
N SER A 162 -2.83 7.34 -8.67
CA SER A 162 -2.12 6.35 -9.48
C SER A 162 -1.62 6.97 -10.78
N HIS A 163 -2.42 7.87 -11.36
CA HIS A 163 -2.04 8.56 -12.62
C HIS A 163 -0.78 9.40 -12.37
N SER A 164 -0.77 10.15 -11.25
CA SER A 164 0.37 11.00 -10.90
C SER A 164 1.64 10.18 -10.63
N LEU A 165 1.52 9.02 -9.95
CA LEU A 165 2.67 8.16 -9.73
C LEU A 165 3.11 7.50 -11.04
N SER A 166 2.14 7.15 -11.92
CA SER A 166 2.46 6.54 -13.23
C SER A 166 3.34 7.45 -14.09
N ALA A 167 3.14 8.77 -13.96
CA ALA A 167 3.90 9.79 -14.69
C ALA A 167 5.37 9.85 -14.26
N LEU A 168 5.72 9.23 -13.12
CA LEU A 168 7.10 9.20 -12.62
C LEU A 168 7.92 8.06 -13.22
N HIS A 169 7.24 7.08 -13.85
CA HIS A 169 7.85 5.89 -14.47
C HIS A 169 8.76 5.17 -13.49
N PHE A 170 8.23 4.86 -12.31
CA PHE A 170 9.01 4.17 -11.29
C PHE A 170 9.51 2.82 -11.75
N SER A 171 10.74 2.48 -11.34
CA SER A 171 11.25 1.13 -11.52
C SER A 171 10.75 0.35 -10.30
N GLU A 172 10.85 -0.99 -10.35
CA GLU A 172 10.51 -1.83 -9.21
C GLU A 172 11.39 -1.52 -7.99
N ASP A 173 12.71 -1.27 -8.22
CA ASP A 173 13.61 -0.93 -7.11
C ASP A 173 13.20 0.43 -6.50
N GLU A 174 12.77 1.40 -7.32
CA GLU A 174 12.29 2.69 -6.76
C GLU A 174 11.05 2.48 -5.90
N ILE A 175 10.08 1.65 -6.37
CA ILE A 175 8.89 1.36 -5.54
C ILE A 175 9.28 0.66 -4.24
N ALA A 176 10.24 -0.30 -4.30
CA ALA A 176 10.70 -1.00 -3.12
C ALA A 176 11.19 0.01 -2.07
N LEU A 177 12.09 0.91 -2.50
CA LEU A 177 12.70 1.84 -1.57
C LEU A 177 11.75 2.93 -1.09
N TYR A 178 10.88 3.41 -1.98
CA TYR A 178 9.90 4.43 -1.62
C TYR A 178 8.89 3.81 -0.63
N THR A 179 8.39 2.57 -0.91
CA THR A 179 7.39 1.98 0.03
C THR A 179 7.98 1.61 1.36
N ALA A 180 9.29 1.24 1.43
CA ALA A 180 9.89 0.96 2.73
C ALA A 180 9.80 2.24 3.58
N LEU A 181 10.08 3.41 2.95
CA LEU A 181 9.98 4.70 3.64
C LEU A 181 8.57 5.09 4.00
N VAL A 182 7.59 4.80 3.13
CA VAL A 182 6.20 5.08 3.49
C VAL A 182 5.87 4.35 4.79
N LEU A 183 6.31 3.08 4.90
CA LEU A 183 6.05 2.28 6.10
C LEU A 183 6.84 2.76 7.33
N ILE A 184 8.18 2.97 7.19
CA ILE A 184 8.99 3.33 8.36
C ILE A 184 9.01 4.84 8.54
N ASN A 185 7.96 5.33 9.22
CA ASN A 185 7.70 6.77 9.38
C ASN A 185 7.72 7.01 10.88
N ALA A 186 8.77 7.71 11.37
CA ALA A 186 8.93 7.93 12.80
C ALA A 186 7.93 8.93 13.38
N HIS A 187 7.13 9.57 12.51
CA HIS A 187 6.14 10.54 12.97
C HIS A 187 4.79 9.92 13.33
N ARG A 188 4.60 8.60 13.05
CA ARG A 188 3.29 8.00 13.38
C ARG A 188 2.97 8.15 14.88
N PRO A 189 1.79 8.67 15.20
CA PRO A 189 1.42 8.75 16.64
C PRO A 189 1.32 7.35 17.27
N GLY A 190 1.87 7.20 18.47
CA GLY A 190 1.78 5.95 19.21
C GLY A 190 3.05 5.13 19.30
N LEU A 191 4.13 5.58 18.61
CA LEU A 191 5.38 4.83 18.66
C LEU A 191 6.03 5.01 20.01
N GLN A 192 6.43 3.90 20.60
CA GLN A 192 7.08 3.89 21.91
C GLN A 192 8.58 4.13 21.73
N GLU A 193 9.20 3.45 20.73
CA GLU A 193 10.63 3.58 20.44
C GLU A 193 10.90 4.48 19.25
N LYS A 194 10.46 5.73 19.39
CA LYS A 194 10.55 6.73 18.33
C LYS A 194 11.98 6.94 17.81
N ARG A 195 13.00 7.04 18.70
CA ARG A 195 14.39 7.27 18.25
C ARG A 195 14.90 6.08 17.42
N LYS A 196 14.48 4.83 17.75
CA LYS A 196 14.86 3.66 16.96
C LYS A 196 14.26 3.78 15.56
N VAL A 197 12.97 4.14 15.48
CA VAL A 197 12.33 4.28 14.18
C VAL A 197 12.96 5.44 13.40
N GLU A 198 13.28 6.57 14.09
CA GLU A 198 13.91 7.70 13.42
C GLU A 198 15.21 7.28 12.74
N GLN A 199 16.03 6.47 13.43
CA GLN A 199 17.31 6.07 12.84
C GLN A 199 17.12 5.10 11.68
N LEU A 200 16.21 4.12 11.83
CA LEU A 200 15.90 3.21 10.73
C LEU A 200 15.39 4.01 9.52
N GLN A 201 14.49 5.01 9.77
CA GLN A 201 13.97 5.85 8.70
C GLN A 201 15.12 6.62 8.00
N TYR A 202 16.04 7.20 8.79
CA TYR A 202 17.18 7.94 8.21
C TYR A 202 18.01 7.04 7.30
N ASN A 203 18.29 5.80 7.76
CA ASN A 203 19.06 4.87 6.91
C ASN A 203 18.32 4.45 5.67
N LEU A 204 16.99 4.21 5.80
CA LEU A 204 16.21 3.87 4.60
C LEU A 204 16.13 5.05 3.61
N GLU A 205 16.13 6.30 4.15
CA GLU A 205 16.10 7.51 3.30
C GLU A 205 17.45 7.60 2.56
N LEU A 206 18.55 7.33 3.26
CA LEU A 206 19.87 7.33 2.63
C LEU A 206 19.92 6.24 1.54
N ALA A 207 19.34 5.04 1.81
CA ALA A 207 19.35 3.97 0.82
C ALA A 207 18.58 4.41 -0.44
N PHE A 208 17.36 4.96 -0.25
CA PHE A 208 16.57 5.41 -1.39
C PHE A 208 17.32 6.53 -2.17
N HIS A 209 17.84 7.53 -1.45
CA HIS A 209 18.50 8.66 -2.11
C HIS A 209 19.81 8.25 -2.76
N HIS A 210 20.53 7.29 -2.16
CA HIS A 210 21.75 6.72 -2.75
C HIS A 210 21.39 6.03 -4.07
N HIS A 211 20.32 5.21 -4.04
CA HIS A 211 19.92 4.56 -5.27
C HIS A 211 19.56 5.56 -6.38
N LEU A 212 18.82 6.63 -6.02
CA LEU A 212 18.44 7.64 -7.01
C LEU A 212 19.68 8.35 -7.55
N CYS A 213 20.63 8.63 -6.68
CA CYS A 213 21.87 9.31 -7.09
C CYS A 213 22.63 8.44 -8.08
N LYS A 214 22.77 7.13 -7.76
CA LYS A 214 23.54 6.18 -8.57
C LYS A 214 22.90 5.96 -9.94
N THR A 215 21.56 6.02 -10.02
CA THR A 215 20.81 5.79 -11.25
C THR A 215 20.40 7.09 -11.96
N HIS A 216 20.90 8.25 -11.48
CA HIS A 216 20.64 9.59 -12.07
C HIS A 216 19.12 9.87 -12.14
N ARG A 217 18.45 9.55 -11.02
CA ARG A 217 17.00 9.72 -10.88
C ARG A 217 16.64 10.63 -9.70
N GLN A 218 17.59 11.48 -9.25
CA GLN A 218 17.32 12.41 -8.13
C GLN A 218 16.22 13.42 -8.50
N SER A 219 15.97 13.61 -9.81
CA SER A 219 14.92 14.52 -10.26
C SER A 219 13.51 14.11 -9.79
N ILE A 220 13.32 12.83 -9.37
CA ILE A 220 11.97 12.40 -8.90
C ILE A 220 11.66 12.95 -7.50
N LEU A 221 12.69 13.32 -6.72
CA LEU A 221 12.46 13.72 -5.32
C LEU A 221 11.49 14.89 -5.16
N ALA A 222 11.61 15.93 -6.00
CA ALA A 222 10.70 17.08 -5.96
C ALA A 222 9.32 16.76 -6.50
N LYS A 223 9.18 15.64 -7.22
CA LYS A 223 7.95 15.20 -7.89
C LYS A 223 7.14 14.20 -7.05
N LEU A 224 7.72 13.69 -5.95
CA LEU A 224 6.99 12.71 -5.14
C LEU A 224 5.82 13.39 -4.45
N PRO A 225 4.70 12.70 -4.23
CA PRO A 225 3.55 13.37 -3.59
C PRO A 225 3.83 13.76 -2.13
N PRO A 226 3.24 14.86 -1.61
CA PRO A 226 3.44 15.17 -0.17
C PRO A 226 2.77 14.11 0.70
N LYS A 227 3.22 13.90 1.97
CA LYS A 227 2.64 12.91 2.89
C LYS A 227 1.15 13.12 3.13
N GLY A 228 0.72 14.40 3.10
CA GLY A 228 -0.67 14.78 3.27
C GLY A 228 -1.59 14.18 2.21
N LYS A 229 -1.01 13.87 1.03
CA LYS A 229 -1.78 13.28 -0.05
C LYS A 229 -2.17 11.82 0.33
N LEU A 230 -1.18 11.00 0.77
CA LEU A 230 -1.47 9.62 1.18
C LEU A 230 -2.41 9.62 2.39
N ARG A 231 -2.20 10.57 3.33
CA ARG A 231 -3.04 10.70 4.52
C ARG A 231 -4.50 11.00 4.13
N SER A 232 -4.68 11.95 3.19
CA SER A 232 -6.02 12.31 2.72
C SER A 232 -6.73 11.08 2.11
N LEU A 233 -6.03 10.30 1.28
CA LEU A 233 -6.62 9.11 0.68
C LEU A 233 -7.05 8.11 1.74
N CYS A 234 -6.19 7.85 2.72
CA CYS A 234 -6.51 6.90 3.80
C CYS A 234 -7.65 7.42 4.64
N SER A 235 -7.69 8.74 4.91
CA SER A 235 -8.78 9.34 5.69
C SER A 235 -10.09 9.19 4.94
N GLN A 236 -10.08 9.49 3.63
CA GLN A 236 -11.30 9.34 2.82
C GLN A 236 -11.78 7.90 2.85
N HIS A 237 -10.86 6.92 2.70
CA HIS A 237 -11.27 5.51 2.73
C HIS A 237 -11.98 5.18 4.08
N VAL A 238 -11.39 5.58 5.22
CA VAL A 238 -12.02 5.29 6.51
C VAL A 238 -13.39 6.00 6.60
N GLU A 239 -13.50 7.25 6.10
CA GLU A 239 -14.76 7.97 6.15
C GLU A 239 -15.83 7.25 5.33
N ARG A 240 -15.48 6.83 4.09
CA ARG A 240 -16.47 6.15 3.23
C ARG A 240 -16.89 4.80 3.79
N LEU A 241 -15.95 4.10 4.46
CA LEU A 241 -16.23 2.82 5.10
C LEU A 241 -17.24 3.09 6.24
N GLN A 242 -17.02 4.14 7.02
CA GLN A 242 -17.96 4.46 8.13
C GLN A 242 -19.38 4.70 7.57
N ILE A 243 -19.49 5.39 6.42
CA ILE A 243 -20.80 5.64 5.80
C ILE A 243 -21.44 4.31 5.38
N PHE A 244 -20.64 3.43 4.76
CA PHE A 244 -21.17 2.16 4.29
C PHE A 244 -21.59 1.31 5.48
N GLN A 245 -20.76 1.27 6.51
CA GLN A 245 -21.03 0.48 7.72
C GLN A 245 -22.35 0.90 8.37
N HIS A 246 -22.67 2.20 8.36
CA HIS A 246 -23.94 2.67 8.92
C HIS A 246 -25.13 2.13 8.10
N LEU A 247 -24.95 2.02 6.78
CA LEU A 247 -25.98 1.46 5.88
C LEU A 247 -26.14 -0.05 5.96
N HIS A 248 -25.03 -0.79 6.04
CA HIS A 248 -25.04 -2.25 6.00
C HIS A 248 -24.18 -2.80 7.14
N PRO A 249 -24.60 -2.54 8.41
CA PRO A 249 -23.74 -2.95 9.55
C PRO A 249 -23.46 -4.44 9.64
N ILE A 250 -24.46 -5.29 9.30
CA ILE A 250 -24.29 -6.73 9.39
C ILE A 250 -23.40 -7.26 8.27
N VAL A 251 -23.36 -6.58 7.10
CA VAL A 251 -22.43 -7.00 6.05
C VAL A 251 -21.01 -6.83 6.59
N VAL A 252 -20.74 -5.67 7.22
CA VAL A 252 -19.40 -5.46 7.77
C VAL A 252 -19.10 -6.48 8.89
N GLN A 253 -20.03 -6.66 9.81
CA GLN A 253 -19.83 -7.61 10.91
C GLN A 253 -19.66 -9.05 10.44
N ALA A 254 -20.53 -9.46 9.51
CA ALA A 254 -20.55 -10.86 9.07
C ALA A 254 -19.65 -11.23 7.91
N ALA A 255 -19.38 -10.28 6.99
CA ALA A 255 -18.68 -10.67 5.75
C ALA A 255 -17.48 -9.85 5.35
N PHE A 256 -17.05 -8.92 6.19
CA PHE A 256 -15.81 -8.20 5.87
C PHE A 256 -14.65 -8.95 6.51
N PRO A 257 -13.48 -8.91 5.87
CA PRO A 257 -12.35 -9.66 6.44
C PRO A 257 -11.92 -9.13 7.82
N PRO A 258 -11.60 -10.01 8.78
CA PRO A 258 -11.19 -9.52 10.12
C PRO A 258 -9.99 -8.57 10.09
N LEU A 259 -8.97 -8.86 9.25
CA LEU A 259 -7.80 -7.95 9.17
C LEU A 259 -8.21 -6.56 8.70
N TYR A 260 -9.13 -6.50 7.71
CA TYR A 260 -9.61 -5.20 7.21
C TYR A 260 -10.29 -4.43 8.36
N LYS A 261 -11.12 -5.11 9.15
CA LYS A 261 -11.78 -4.42 10.27
C LYS A 261 -10.78 -3.98 11.33
N GLU A 262 -9.72 -4.79 11.57
CA GLU A 262 -8.69 -4.42 12.56
C GLU A 262 -7.99 -3.12 12.13
N LEU A 263 -7.71 -2.99 10.81
CA LEU A 263 -7.02 -1.77 10.34
C LEU A 263 -7.90 -0.54 10.19
N PHE A 264 -9.17 -0.71 9.76
CA PHE A 264 -9.98 0.44 9.35
C PHE A 264 -11.25 0.71 10.12
N SER A 265 -11.71 -0.24 10.92
CA SER A 265 -12.93 -0.01 11.68
C SER A 265 -12.75 -0.43 13.13
N GLY A 266 -11.55 -0.21 13.67
CA GLY A 266 -11.18 -0.51 15.06
C GLY A 266 -11.49 -1.91 15.55
N GLY A 267 -11.41 -2.89 14.65
CA GLY A 267 -11.63 -4.29 14.98
C GLY A 267 -13.03 -4.77 14.68
N LYS B 3 -13.86 -6.73 17.77
CA LYS B 3 -12.59 -6.79 18.49
C LYS B 3 -11.53 -7.66 17.77
N HIS B 4 -11.58 -7.71 16.41
CA HIS B 4 -10.66 -8.54 15.60
C HIS B 4 -9.18 -8.15 15.75
N LYS B 5 -8.31 -9.12 16.10
CA LYS B 5 -6.85 -8.94 16.26
C LYS B 5 -6.10 -10.02 15.48
N ILE B 6 -5.71 -9.69 14.25
CA ILE B 6 -5.06 -10.61 13.31
C ILE B 6 -3.60 -10.24 13.16
N LEU B 7 -3.30 -8.93 13.19
CA LEU B 7 -1.93 -8.47 13.01
C LEU B 7 -0.95 -9.18 13.92
N HIS B 8 -1.28 -9.30 15.24
CA HIS B 8 -0.46 -10.00 16.25
C HIS B 8 -0.10 -11.41 15.74
N ARG B 9 -1.11 -12.14 15.22
CA ARG B 9 -0.96 -13.50 14.68
C ARG B 9 -0.02 -13.54 13.49
N LEU B 10 -0.24 -12.67 12.50
CA LEU B 10 0.61 -12.60 11.30
C LEU B 10 2.06 -12.26 11.69
N LEU B 11 2.23 -11.33 12.65
CA LEU B 11 3.57 -10.93 13.08
C LEU B 11 4.34 -12.04 13.79
N GLN B 12 3.65 -12.88 14.57
CA GLN B 12 4.23 -13.95 15.38
C GLN B 12 4.41 -15.28 14.62
N ASP B 13 3.70 -15.45 13.50
CA ASP B 13 3.76 -16.66 12.68
C ASP B 13 5.05 -16.74 11.86
N SER B 14 6.00 -17.59 12.30
CA SER B 14 7.29 -17.81 11.62
C SER B 14 7.40 -19.21 11.03
C1 JUH C . -1.02 -3.99 -4.93
C2 JUH C . -0.02 -5.05 -5.31
O4 JUH C . 0.74 -6.60 -7.28
O5 JUH C . 0.31 -4.18 -7.80
C7 JUH C . -2.53 -5.00 -8.19
C8 JUH C . -3.83 -5.36 -8.47
C9 JUH C . -4.36 -6.52 -7.95
C10 JUH C . -3.58 -7.33 -7.14
C11 JUH C . -2.26 -7.00 -6.89
C12 JUH C . -5.80 -6.85 -8.22
C14 JUH C . -7.38 -8.77 -8.03
C16 JUH C . -7.45 -10.21 -7.63
C19 JUH C . -9.62 -12.59 -9.55
C20 JUH C . -8.88 -12.78 -10.70
C21 JUH C . -7.68 -12.12 -10.86
C22 JUH C . -7.20 -11.28 -9.88
N25 JUH C . -7.16 -4.96 -7.72
C27 JUH C . -8.33 -4.12 -5.72
C30 JUH C . -8.59 -1.69 -6.99
C31 JUH C . -7.94 -2.73 -7.62
C32 JUH C . -9.86 -0.74 -5.02
C34 JUH C . -8.99 0.47 -4.70
S3 JUH C . -0.06 -5.39 -7.07
C6 JUH C . -1.75 -5.83 -7.41
N13 JUH C . -6.09 -8.28 -8.03
O15 JUH C . -8.38 -8.11 -8.28
C17 JUH C . -7.94 -11.09 -8.72
C18 JUH C . -9.15 -11.76 -8.55
C23 JUH C . -6.63 -6.10 -7.19
O24 JUH C . -6.79 -6.48 -6.04
C26 JUH C . -7.81 -3.94 -6.99
C28 JUH C . -8.98 -3.07 -5.09
C29 JUH C . -9.12 -1.85 -5.73
O33 JUH C . -10.36 -1.24 -3.78
F35 JUH C . -9.69 1.32 -3.88
F36 JUH C . -7.84 0.09 -4.06
F37 JUH C . -8.63 1.13 -5.85
C38 JUH C . -11.12 -0.34 -5.78
F39 JUH C . -11.87 0.52 -5.05
F40 JUH C . -10.84 0.26 -6.98
F41 JUH C . -11.90 -1.42 -5.98
NA NA D . 1.15 2.54 -13.89
S DMS E . -13.23 0.19 -1.53
O DMS E . -11.86 0.25 -2.05
C1 DMS E . -13.05 -0.45 0.11
C2 DMS E . -13.63 1.87 -1.16
#